data_1A54
#
_entry.id   1A54
#
_cell.length_a   41.498
_cell.length_b   62.651
_cell.length_c   122.608
_cell.angle_alpha   90.00
_cell.angle_beta   90.00
_cell.angle_gamma   90.00
#
_symmetry.space_group_name_H-M   'P 21 21 21'
#
loop_
_entity.id
_entity.type
_entity.pdbx_description
1 polymer 'Phosphate-binding protein PstS'
2 non-polymer 'DIHYDROGENPHOSPHATE ION'
3 non-polymer N-[2-(1-MALEIMIDYL)ETHYL]-7-DIETHYLAMINOCOUMARIN-3-CARBOXAMIDE
4 water water
#
_entity_poly.entity_id   1
_entity_poly.type   'polypeptide(L)'
_entity_poly.pdbx_seq_one_letter_code
;EASLTGAGATFPAPVYAKWADTYQKETGNKVNYQGIGSSGGVKQIIANTVDFGASDAPLSDEKLAQEGLFQFPTVIGGVV
LAVNIPGLKSGELVLDGKTLGDIYLGKIKKWDDEAIAKLNPGLKLPSQNIAVVRRADGSGTSFVFTSYLAKVNEEWKNNV
GTGSTVKWPIGLGGKGNDGIAAFVQRLPGAIGYVEYCYAKQNNLAYTKLISADGKPVSPTEENFANAAKGADWSKTFAQD
LTNQKGEDAWPITSTTFILIHKDQKKPEQGTEVLKFFDWAYKTGAKQANDLDYASLPDSVVEQVRAAWKTNIKDSSGKPL
Y
;
_entity_poly.pdbx_strand_id   A
#
# COMPACT_ATOMS: atom_id res chain seq x y z
N GLU A 1 -19.41 -2.94 23.96
CA GLU A 1 -19.28 -2.35 22.58
C GLU A 1 -18.47 -1.05 22.69
N ALA A 2 -17.43 -0.97 21.86
CA ALA A 2 -16.62 0.26 21.91
C ALA A 2 -16.76 0.98 20.58
N SER A 3 -16.49 2.29 20.65
CA SER A 3 -16.44 3.12 19.47
C SER A 3 -14.97 3.52 19.24
N LEU A 4 -14.34 2.92 18.22
CA LEU A 4 -12.92 3.16 18.00
C LEU A 4 -12.75 4.08 16.78
N THR A 5 -11.66 4.85 16.81
CA THR A 5 -11.29 5.70 15.69
C THR A 5 -9.88 5.39 15.18
N GLY A 6 -9.77 5.27 13.87
CA GLY A 6 -8.43 5.12 13.24
C GLY A 6 -8.34 6.08 12.06
N ALA A 7 -7.11 6.39 11.66
CA ALA A 7 -6.94 7.27 10.48
C ALA A 7 -5.62 6.96 9.80
N GLY A 8 -5.61 7.19 8.48
CA GLY A 8 -4.30 7.08 7.78
C GLY A 8 -4.48 6.44 6.41
N ALA A 9 -3.52 5.57 6.08
CA ALA A 9 -3.38 5.01 4.75
C ALA A 9 -4.65 4.59 4.05
N THR A 10 -4.74 5.02 2.79
CA THR A 10 -5.85 4.56 1.95
C THR A 10 -5.57 3.24 1.25
N PHE A 11 -4.31 2.80 1.13
CA PHE A 11 -3.91 1.55 0.51
C PHE A 11 -4.70 0.36 1.04
N PRO A 12 -4.89 0.17 2.34
CA PRO A 12 -5.69 -0.93 2.89
C PRO A 12 -7.09 -0.51 3.33
N ALA A 13 -7.52 0.74 3.06
CA ALA A 13 -8.85 1.15 3.54
C ALA A 13 -10.00 0.25 3.10
N PRO A 14 -10.04 -0.31 1.93
CA PRO A 14 -11.15 -1.21 1.58
C PRO A 14 -11.21 -2.37 2.56
N VAL A 15 -10.07 -3.03 2.87
CA VAL A 15 -10.15 -4.18 3.76
C VAL A 15 -10.42 -3.73 5.18
N TYR A 16 -9.85 -2.58 5.62
CA TYR A 16 -10.22 -2.15 6.99
C TYR A 16 -11.72 -1.81 7.07
N ALA A 17 -12.29 -1.29 5.99
CA ALA A 17 -13.74 -0.96 6.01
C ALA A 17 -14.57 -2.23 6.02
N LYS A 18 -14.15 -3.24 5.25
CA LYS A 18 -14.89 -4.52 5.24
C LYS A 18 -14.81 -5.19 6.61
N TRP A 19 -13.60 -5.26 7.17
CA TRP A 19 -13.44 -5.85 8.52
C TRP A 19 -14.26 -5.08 9.55
N ALA A 20 -14.27 -3.77 9.50
CA ALA A 20 -15.04 -2.96 10.46
C ALA A 20 -16.53 -3.34 10.34
N ASP A 21 -17.03 -3.35 9.11
CA ASP A 21 -18.48 -3.66 8.91
C ASP A 21 -18.79 -5.03 9.43
N THR A 22 -17.99 -6.05 9.13
CA THR A 22 -18.28 -7.42 9.56
C THR A 22 -18.16 -7.51 11.07
N TYR A 23 -17.14 -6.81 11.62
CA TYR A 23 -16.95 -6.89 13.09
C TYR A 23 -18.10 -6.23 13.83
N GLN A 24 -18.64 -5.13 13.31
CA GLN A 24 -19.82 -4.53 13.95
C GLN A 24 -21.01 -5.47 13.86
N LYS A 25 -21.18 -6.15 12.72
CA LYS A 25 -22.33 -7.06 12.61
C LYS A 25 -22.21 -8.20 13.61
N GLU A 26 -21.02 -8.71 13.89
CA GLU A 26 -20.85 -9.85 14.77
C GLU A 26 -20.72 -9.48 16.24
N THR A 27 -20.17 -8.30 16.56
CA THR A 27 -19.85 -8.00 17.96
C THR A 27 -20.47 -6.72 18.48
N GLY A 28 -20.91 -5.86 17.56
CA GLY A 28 -21.46 -4.57 17.94
C GLY A 28 -20.41 -3.45 18.00
N ASN A 29 -19.13 -3.85 18.11
CA ASN A 29 -18.10 -2.80 18.20
C ASN A 29 -18.08 -2.00 16.90
N LYS A 30 -17.79 -0.72 17.02
CA LYS A 30 -17.81 0.25 15.95
C LYS A 30 -16.39 0.79 15.66
N VAL A 31 -16.01 0.66 14.40
CA VAL A 31 -14.66 1.20 14.04
C VAL A 31 -14.89 2.25 12.96
N ASN A 32 -14.43 3.48 13.22
CA ASN A 32 -14.57 4.57 12.24
C ASN A 32 -13.15 4.79 11.67
N TYR A 33 -13.02 4.63 10.37
CA TYR A 33 -11.66 4.79 9.78
C TYR A 33 -11.64 5.88 8.72
N GLN A 34 -10.75 6.85 8.91
CA GLN A 34 -10.61 7.98 7.99
C GLN A 34 -9.40 7.79 7.07
N GLY A 35 -9.69 7.67 5.76
CA GLY A 35 -8.58 7.47 4.83
C GLY A 35 -8.05 8.85 4.44
N ILE A 36 -6.99 9.32 5.08
CA ILE A 36 -6.40 10.62 4.91
C ILE A 36 -4.93 10.48 4.42
N GLY A 37 -4.50 9.24 4.18
CA GLY A 37 -3.10 9.08 3.72
C GLY A 37 -2.17 8.82 4.90
N SER A 38 -1.09 8.06 4.65
CA SER A 38 -0.20 7.60 5.71
C SER A 38 0.41 8.75 6.50
N SER A 39 0.77 9.83 5.79
CA SER A 39 1.46 10.91 6.55
C SER A 39 0.48 11.50 7.57
N GLY A 40 -0.76 11.68 7.18
CA GLY A 40 -1.82 12.17 8.07
C GLY A 40 -2.07 11.15 9.20
N GLY A 41 -1.98 9.86 8.85
CA GLY A 41 -2.18 8.83 9.88
C GLY A 41 -1.15 8.94 11.00
N VAL A 42 0.12 9.17 10.62
CA VAL A 42 1.18 9.26 11.65
C VAL A 42 0.94 10.53 12.45
N LYS A 43 0.59 11.63 11.79
CA LYS A 43 0.41 12.89 12.53
C LYS A 43 -0.73 12.74 13.57
N GLN A 44 -1.82 12.08 13.17
CA GLN A 44 -2.97 11.99 14.06
C GLN A 44 -2.71 11.07 15.24
N ILE A 45 -1.98 9.96 15.00
CA ILE A 45 -1.71 9.12 16.18
C ILE A 45 -0.78 9.82 17.15
N ILE A 46 0.21 10.59 16.65
CA ILE A 46 1.12 11.32 17.55
C ILE A 46 0.36 12.43 18.25
N ALA A 47 -0.65 13.02 17.60
CA ALA A 47 -1.44 14.10 18.22
C ALA A 47 -2.50 13.56 19.17
N ASN A 48 -2.64 12.25 19.21
CA ASN A 48 -3.67 11.61 20.05
C ASN A 48 -5.09 11.97 19.67
N THR A 49 -5.39 12.14 18.37
CA THR A 49 -6.75 12.50 17.98
C THR A 49 -7.54 11.25 17.59
N VAL A 50 -6.83 10.13 17.48
CA VAL A 50 -7.43 8.85 17.11
C VAL A 50 -6.86 7.73 17.97
N ASP A 51 -7.57 6.55 18.02
CA ASP A 51 -7.08 5.45 18.82
C ASP A 51 -5.95 4.69 18.11
N PHE A 52 -5.92 4.69 16.77
CA PHE A 52 -4.83 4.07 16.03
C PHE A 52 -4.57 4.82 14.74
N GLY A 53 -3.27 4.86 14.34
CA GLY A 53 -2.92 5.44 13.05
C GLY A 53 -2.57 4.32 12.07
N ALA A 54 -2.52 4.63 10.79
CA ALA A 54 -2.21 3.63 9.77
C ALA A 54 -1.26 4.24 8.73
N SER A 55 -0.16 3.52 8.49
CA SER A 55 0.82 3.99 7.49
C SER A 55 1.40 2.82 6.70
N ASP A 56 1.52 2.96 5.37
CA ASP A 56 2.15 1.88 4.61
C ASP A 56 3.67 1.93 4.77
N ALA A 57 4.18 3.14 4.98
CA ALA A 57 5.64 3.28 5.20
C ALA A 57 5.93 2.99 6.65
N PRO A 58 6.88 2.12 6.93
CA PRO A 58 7.20 1.78 8.29
C PRO A 58 8.01 2.88 8.99
N LEU A 59 7.74 3.11 10.24
CA LEU A 59 8.60 4.01 11.04
C LEU A 59 9.79 3.19 11.53
N SER A 60 10.97 3.85 11.60
CA SER A 60 12.14 3.11 12.12
C SER A 60 12.00 2.78 13.60
N ASP A 61 12.75 1.77 14.05
CA ASP A 61 12.74 1.38 15.45
C ASP A 61 13.04 2.60 16.35
N GLU A 62 13.99 3.43 15.91
CA GLU A 62 14.33 4.62 16.70
C GLU A 62 13.15 5.58 16.78
N LYS A 63 12.51 5.86 15.62
CA LYS A 63 11.38 6.78 15.61
C LYS A 63 10.19 6.25 16.42
N LEU A 64 9.93 4.95 16.35
CA LEU A 64 8.88 4.39 17.22
C LEU A 64 9.22 4.61 18.69
N ALA A 65 10.49 4.40 19.05
CA ALA A 65 10.91 4.56 20.44
C ALA A 65 10.88 6.01 20.87
N GLN A 66 11.22 6.93 19.95
CA GLN A 66 11.14 8.36 20.29
C GLN A 66 9.72 8.80 20.60
N GLU A 67 8.76 8.21 19.85
CA GLU A 67 7.38 8.62 19.94
C GLU A 67 6.55 7.77 20.91
N GLY A 68 7.17 6.72 21.44
CA GLY A 68 6.38 5.83 22.34
C GLY A 68 5.35 5.01 21.57
N LEU A 69 5.69 4.69 20.33
CA LEU A 69 4.71 3.95 19.50
C LEU A 69 5.15 2.53 19.25
N PHE A 70 4.18 1.69 18.88
CA PHE A 70 4.39 0.31 18.47
C PHE A 70 3.76 0.13 17.08
N GLN A 71 4.38 -0.64 16.21
CA GLN A 71 3.84 -0.80 14.85
C GLN A 71 3.69 -2.26 14.51
N PHE A 72 2.60 -2.60 13.81
CA PHE A 72 2.43 -3.99 13.42
C PHE A 72 1.77 -4.05 12.03
N PRO A 73 2.13 -5.05 11.25
CA PRO A 73 1.61 -5.20 9.89
C PRO A 73 0.30 -5.94 9.87
N THR A 74 -0.54 -5.62 8.86
CA THR A 74 -1.87 -6.22 8.82
C THR A 74 -2.01 -7.12 7.61
N VAL A 75 -1.80 -6.62 6.40
CA VAL A 75 -2.03 -7.38 5.16
C VAL A 75 -0.96 -7.00 4.12
N ILE A 76 -0.94 -7.75 3.01
CA ILE A 76 0.01 -7.48 1.93
C ILE A 76 -0.79 -7.08 0.67
N GLY A 77 -0.53 -5.90 0.13
CA GLY A 77 -1.21 -5.46 -1.07
C GLY A 77 -0.21 -5.20 -2.20
N GLY A 78 -0.72 -4.68 -3.33
CA GLY A 78 0.19 -4.45 -4.47
C GLY A 78 -0.21 -3.13 -5.16
N VAL A 79 0.80 -2.40 -5.63
CA VAL A 79 0.53 -1.16 -6.41
C VAL A 79 0.59 -1.50 -7.87
N VAL A 80 -0.40 -1.04 -8.64
CA VAL A 80 -0.44 -1.29 -10.08
C VAL A 80 -0.53 0.07 -10.81
N LEU A 81 -0.25 -0.01 -12.11
CA LEU A 81 -0.38 1.18 -12.94
C LEU A 81 -1.71 1.04 -13.65
N ALA A 82 -2.68 1.82 -13.21
CA ALA A 82 -3.99 1.86 -13.89
C ALA A 82 -3.84 2.80 -15.09
N VAL A 83 -4.32 2.37 -16.26
CA VAL A 83 -4.16 3.18 -17.47
C VAL A 83 -5.56 3.36 -18.12
N ASN A 84 -5.61 4.38 -18.96
CA ASN A 84 -6.85 4.65 -19.74
C ASN A 84 -6.36 4.74 -21.18
N ILE A 85 -6.34 3.59 -21.87
CA ILE A 85 -5.82 3.57 -23.25
C ILE A 85 -6.86 2.88 -24.13
N PRO A 86 -7.80 3.68 -24.63
CA PRO A 86 -8.76 3.18 -25.62
C PRO A 86 -8.09 2.29 -26.67
N GLY A 87 -8.55 1.04 -26.78
CA GLY A 87 -7.97 0.14 -27.77
C GLY A 87 -7.25 -1.04 -27.14
N LEU A 88 -6.81 -0.84 -25.90
CA LEU A 88 -6.11 -1.90 -25.17
C LEU A 88 -6.98 -2.41 -24.02
N LYS A 89 -6.67 -3.61 -23.55
CA LYS A 89 -7.37 -4.21 -22.43
C LYS A 89 -6.47 -4.48 -21.23
N SER A 90 -7.13 -4.69 -20.09
CA SER A 90 -6.41 -4.99 -18.85
C SER A 90 -5.45 -6.15 -18.96
N GLY A 91 -4.21 -5.94 -18.49
CA GLY A 91 -3.14 -6.92 -18.50
C GLY A 91 -2.37 -7.04 -19.80
N GLU A 92 -2.85 -6.44 -20.89
CA GLU A 92 -2.25 -6.62 -22.21
C GLU A 92 -0.92 -5.88 -22.31
N LEU A 93 -0.92 -4.64 -21.83
CA LEU A 93 0.29 -3.82 -21.83
C LEU A 93 1.30 -4.23 -20.75
N VAL A 94 2.57 -4.39 -21.16
CA VAL A 94 3.66 -4.66 -20.23
C VAL A 94 4.60 -3.46 -20.13
N LEU A 95 5.03 -3.10 -18.91
CA LEU A 95 6.10 -2.11 -18.77
C LEU A 95 7.22 -2.69 -17.92
N ASP A 96 8.42 -2.19 -18.05
CA ASP A 96 9.50 -2.53 -17.11
C ASP A 96 9.83 -1.33 -16.27
N GLY A 97 10.69 -1.47 -15.27
CA GLY A 97 11.00 -0.40 -14.33
C GLY A 97 11.64 0.77 -15.03
N LYS A 98 12.62 0.53 -15.93
CA LYS A 98 13.33 1.64 -16.53
C LYS A 98 12.37 2.52 -17.31
N THR A 99 11.55 1.89 -18.17
CA THR A 99 10.61 2.66 -18.99
C THR A 99 9.50 3.30 -18.16
N LEU A 100 8.98 2.58 -17.16
CA LEU A 100 8.02 3.26 -16.27
C LEU A 100 8.64 4.47 -15.58
N GLY A 101 9.92 4.40 -15.16
CA GLY A 101 10.57 5.56 -14.56
C GLY A 101 10.68 6.70 -15.63
N ASP A 102 10.96 6.32 -16.88
CA ASP A 102 11.08 7.36 -17.92
C ASP A 102 9.75 8.01 -18.22
N ILE A 103 8.64 7.28 -18.07
CA ILE A 103 7.34 7.92 -18.20
C ILE A 103 7.11 8.90 -17.04
N TYR A 104 7.43 8.48 -15.81
CA TYR A 104 7.26 9.37 -14.65
C TYR A 104 8.23 10.52 -14.64
N LEU A 105 9.38 10.46 -15.35
CA LEU A 105 10.30 11.56 -15.50
C LEU A 105 9.80 12.55 -16.55
N GLY A 106 8.79 12.17 -17.36
CA GLY A 106 8.31 13.08 -18.40
C GLY A 106 9.13 12.93 -19.68
N LYS A 107 9.96 11.91 -19.77
CA LYS A 107 10.81 11.74 -20.96
C LYS A 107 10.08 11.05 -22.09
N ILE A 108 9.13 10.17 -21.79
CA ILE A 108 8.33 9.45 -22.78
C ILE A 108 6.92 10.06 -22.78
N LYS A 109 6.52 10.65 -23.90
CA LYS A 109 5.27 11.42 -23.91
C LYS A 109 4.12 10.73 -24.58
N LYS A 110 4.34 9.71 -25.44
CA LYS A 110 3.27 9.07 -26.18
C LYS A 110 3.17 7.57 -25.89
N TRP A 111 1.96 7.03 -25.93
CA TRP A 111 1.74 5.61 -25.69
C TRP A 111 2.36 4.69 -26.74
N ASP A 112 2.62 5.17 -27.97
CA ASP A 112 3.24 4.35 -28.99
C ASP A 112 4.73 4.68 -29.13
N ASP A 113 5.32 5.21 -28.07
CA ASP A 113 6.76 5.46 -28.03
C ASP A 113 7.52 4.17 -28.36
N GLU A 114 8.67 4.31 -28.99
CA GLU A 114 9.51 3.16 -29.32
C GLU A 114 9.82 2.25 -28.12
N ALA A 115 10.12 2.81 -26.95
CA ALA A 115 10.46 1.96 -25.79
C ALA A 115 9.25 1.17 -25.31
N ILE A 116 8.07 1.68 -25.42
CA ILE A 116 6.85 0.95 -25.07
C ILE A 116 6.53 -0.10 -26.14
N ALA A 117 6.72 0.28 -27.41
CA ALA A 117 6.48 -0.68 -28.49
C ALA A 117 7.42 -1.87 -28.42
N LYS A 118 8.68 -1.66 -28.11
CA LYS A 118 9.65 -2.76 -28.03
C LYS A 118 9.28 -3.75 -26.93
N LEU A 119 8.69 -3.27 -25.83
CA LEU A 119 8.22 -4.11 -24.74
C LEU A 119 6.96 -4.90 -25.07
N ASN A 120 6.24 -4.48 -26.10
CA ASN A 120 4.94 -4.97 -26.50
C ASN A 120 4.81 -5.17 -28.03
N PRO A 121 5.63 -6.04 -28.61
CA PRO A 121 5.73 -6.22 -30.04
C PRO A 121 4.47 -6.61 -30.80
N GLY A 122 3.53 -7.32 -30.19
CA GLY A 122 2.30 -7.61 -30.95
C GLY A 122 1.19 -6.60 -30.81
N LEU A 123 1.40 -5.52 -30.05
CA LEU A 123 0.33 -4.60 -29.73
C LEU A 123 0.28 -3.37 -30.63
N LYS A 124 -0.96 -3.00 -30.98
CA LYS A 124 -1.22 -1.78 -31.72
C LYS A 124 -1.44 -0.65 -30.72
N LEU A 125 -0.37 0.09 -30.46
CA LEU A 125 -0.41 1.18 -29.47
C LEU A 125 -0.87 2.45 -30.17
N PRO A 126 -1.73 3.20 -29.51
CA PRO A 126 -2.29 4.42 -30.07
C PRO A 126 -1.32 5.57 -29.95
N SER A 127 -1.40 6.53 -30.88
CA SER A 127 -0.56 7.72 -30.82
C SER A 127 -1.22 8.74 -29.91
N GLN A 128 -1.26 8.42 -28.61
CA GLN A 128 -1.96 9.27 -27.64
C GLN A 128 -0.98 9.75 -26.57
N ASN A 129 -1.16 11.01 -26.19
CA ASN A 129 -0.32 11.57 -25.13
C ASN A 129 -0.55 10.74 -23.85
N ILE A 130 0.53 10.59 -23.09
CA ILE A 130 0.44 9.95 -21.77
C ILE A 130 0.10 11.08 -20.80
N ALA A 131 -0.91 10.87 -19.97
CA ALA A 131 -1.24 11.84 -18.93
C ALA A 131 -0.87 11.22 -17.57
N VAL A 132 0.26 11.68 -17.07
CA VAL A 132 0.79 11.12 -15.81
C VAL A 132 -0.05 11.59 -14.62
N VAL A 133 -0.37 10.69 -13.70
CA VAL A 133 -1.11 11.03 -12.49
C VAL A 133 -0.33 10.55 -11.26
N ARG A 134 -0.18 11.40 -10.26
CA ARG A 134 0.59 11.03 -9.06
C ARG A 134 -0.15 11.56 -7.86
N ARG A 135 0.30 11.30 -6.63
CA ARG A 135 -0.45 11.70 -5.45
C ARG A 135 -0.15 13.15 -5.03
N ALA A 136 -1.22 13.82 -4.64
CA ALA A 136 -1.15 15.18 -4.10
C ALA A 136 -0.79 15.18 -2.62
N ASP A 137 -1.25 14.23 -1.84
CA ASP A 137 -1.14 14.09 -0.42
C ASP A 137 0.03 13.21 0.02
N GLY A 138 0.44 13.40 1.27
CA GLY A 138 1.56 12.62 1.83
C GLY A 138 1.10 11.16 1.87
N SER A 139 1.87 10.29 1.22
CA SER A 139 1.29 8.95 0.92
C SER A 139 2.30 7.83 1.06
N GLY A 140 1.79 6.76 1.70
CA GLY A 140 2.60 5.52 1.83
C GLY A 140 2.65 4.81 0.47
N THR A 141 1.62 4.97 -0.36
CA THR A 141 1.67 4.35 -1.71
C THR A 141 2.73 5.08 -2.54
N SER A 142 2.86 6.42 -2.34
CA SER A 142 3.96 7.10 -3.03
C SER A 142 5.33 6.66 -2.49
N PHE A 143 5.39 6.38 -1.18
CA PHE A 143 6.67 5.89 -0.64
C PHE A 143 7.08 4.57 -1.31
N VAL A 144 6.14 3.65 -1.34
CA VAL A 144 6.39 2.35 -1.99
C VAL A 144 6.77 2.52 -3.45
N PHE A 145 5.96 3.33 -4.17
CA PHE A 145 6.18 3.50 -5.59
C PHE A 145 7.51 4.16 -5.92
N THR A 146 7.86 5.23 -5.18
CA THR A 146 9.13 5.89 -5.44
C THR A 146 10.30 5.06 -4.92
N SER A 147 10.13 4.26 -3.88
CA SER A 147 11.16 3.28 -3.47
C SER A 147 11.44 2.32 -4.64
N TYR A 148 10.39 1.83 -5.31
CA TYR A 148 10.57 0.96 -6.47
C TYR A 148 11.24 1.73 -7.61
N LEU A 149 10.74 2.91 -7.96
CA LEU A 149 11.38 3.58 -9.10
C LEU A 149 12.86 3.85 -8.85
N ALA A 150 13.28 4.17 -7.63
CA ALA A 150 14.69 4.44 -7.36
C ALA A 150 15.55 3.21 -7.57
N LYS A 151 14.97 2.00 -7.41
CA LYS A 151 15.77 0.79 -7.69
C LYS A 151 15.95 0.55 -9.17
N VAL A 152 15.04 0.96 -10.04
CA VAL A 152 15.03 0.57 -11.44
C VAL A 152 15.33 1.69 -12.44
N ASN A 153 15.49 2.90 -11.96
CA ASN A 153 15.76 4.00 -12.92
C ASN A 153 16.72 4.93 -12.18
N GLU A 154 17.99 4.97 -12.60
CA GLU A 154 19.02 5.75 -11.95
C GLU A 154 18.73 7.27 -12.00
N GLU A 155 18.16 7.78 -13.08
CA GLU A 155 17.84 9.17 -13.19
C GLU A 155 16.79 9.55 -12.15
N TRP A 156 15.79 8.68 -11.97
CA TRP A 156 14.80 8.93 -10.90
C TRP A 156 15.48 8.94 -9.54
N LYS A 157 16.24 7.90 -9.21
CA LYS A 157 16.95 7.74 -7.98
C LYS A 157 17.75 9.04 -7.68
N ASN A 158 18.56 9.44 -8.66
CA ASN A 158 19.48 10.56 -8.41
C ASN A 158 18.84 11.93 -8.46
N ASN A 159 17.67 12.13 -9.03
CA ASN A 159 17.12 13.48 -9.15
C ASN A 159 15.87 13.69 -8.29
N VAL A 160 15.06 12.65 -8.15
CA VAL A 160 13.77 12.75 -7.45
C VAL A 160 13.81 12.02 -6.13
N GLY A 161 14.35 10.78 -6.13
CA GLY A 161 14.55 10.04 -4.90
C GLY A 161 13.28 9.36 -4.39
N THR A 162 13.28 9.07 -3.10
CA THR A 162 12.15 8.32 -2.53
C THR A 162 11.54 9.14 -1.41
N GLY A 163 10.22 9.01 -1.25
CA GLY A 163 9.55 9.70 -0.14
C GLY A 163 8.03 9.44 -0.22
N SER A 164 7.41 9.88 0.88
CA SER A 164 5.93 9.93 0.94
C SER A 164 5.47 11.16 0.21
N THR A 165 6.36 12.14 0.00
CA THR A 165 6.16 13.30 -0.84
C THR A 165 7.49 13.55 -1.57
N VAL A 166 7.43 13.80 -2.87
CA VAL A 166 8.66 14.08 -3.63
C VAL A 166 8.36 15.24 -4.60
N LYS A 167 9.41 15.78 -5.26
CA LYS A 167 9.15 16.79 -6.28
C LYS A 167 8.97 16.10 -7.64
N TRP A 168 7.69 15.88 -7.96
CA TRP A 168 7.33 15.12 -9.18
C TRP A 168 7.76 15.90 -10.41
N PRO A 169 8.54 15.31 -11.31
CA PRO A 169 8.93 15.99 -12.54
C PRO A 169 7.71 16.35 -13.39
N ILE A 170 6.68 15.53 -13.36
CA ILE A 170 5.45 15.81 -14.06
C ILE A 170 4.29 15.01 -13.43
N GLY A 171 3.09 15.41 -13.79
CA GLY A 171 1.96 14.60 -13.33
C GLY A 171 1.00 15.42 -12.47
N LEU A 172 -0.28 15.22 -12.76
CA LEU A 172 -1.30 15.90 -11.97
C LEU A 172 -1.47 15.24 -10.62
N GLY A 173 -1.85 16.01 -9.59
CA GLY A 173 -2.00 15.42 -8.25
C GLY A 173 -3.43 14.98 -7.94
N GLY A 174 -3.53 13.72 -7.57
CA GLY A 174 -4.82 13.14 -7.10
C GLY A 174 -4.72 12.85 -5.60
N LYS A 175 -5.82 13.13 -4.89
CA LYS A 175 -5.85 12.95 -3.43
C LYS A 175 -6.31 11.54 -3.05
N GLY A 176 -5.40 10.83 -2.36
CA GLY A 176 -5.76 9.42 -2.07
C GLY A 176 -5.66 8.49 -3.24
N ASN A 177 -5.64 7.17 -2.91
CA ASN A 177 -5.75 6.18 -3.98
C ASN A 177 -7.05 6.41 -4.78
N ASP A 178 -8.14 6.75 -4.10
CA ASP A 178 -9.39 7.02 -4.80
C ASP A 178 -9.23 8.15 -5.80
N GLY A 179 -8.55 9.24 -5.38
CA GLY A 179 -8.39 10.40 -6.28
C GLY A 179 -7.61 10.02 -7.54
N ILE A 180 -6.56 9.19 -7.41
CA ILE A 180 -5.82 8.79 -8.62
C ILE A 180 -6.70 7.96 -9.52
N ALA A 181 -7.43 6.99 -8.96
CA ALA A 181 -8.33 6.19 -9.80
C ALA A 181 -9.35 7.08 -10.52
N ALA A 182 -9.91 8.06 -9.80
CA ALA A 182 -10.88 8.93 -10.49
C ALA A 182 -10.22 9.69 -11.62
N PHE A 183 -9.00 10.20 -11.41
CA PHE A 183 -8.28 10.93 -12.44
C PHE A 183 -8.08 10.05 -13.66
N VAL A 184 -7.61 8.80 -13.45
CA VAL A 184 -7.36 7.88 -14.54
C VAL A 184 -8.64 7.59 -15.30
N GLN A 185 -9.75 7.39 -14.62
CA GLN A 185 -11.03 7.17 -15.30
C GLN A 185 -11.47 8.36 -16.17
N ARG A 186 -11.19 9.57 -15.74
CA ARG A 186 -11.70 10.72 -16.51
C ARG A 186 -10.76 11.22 -17.60
N LEU A 187 -9.52 10.72 -17.66
CA LEU A 187 -8.56 11.26 -18.59
C LEU A 187 -8.03 10.23 -19.60
N PRO A 188 -8.51 10.26 -20.83
CA PRO A 188 -7.97 9.46 -21.90
C PRO A 188 -6.44 9.59 -21.87
N GLY A 189 -5.78 8.43 -21.93
CA GLY A 189 -4.35 8.33 -21.97
C GLY A 189 -3.65 8.37 -20.62
N ALA A 190 -4.41 8.50 -19.52
CA ALA A 190 -3.75 8.57 -18.21
C ALA A 190 -3.02 7.29 -17.80
N ILE A 191 -2.06 7.51 -16.90
CA ILE A 191 -1.42 6.42 -16.12
C ILE A 191 -1.36 6.92 -14.68
N GLY A 192 -1.71 6.02 -13.73
CA GLY A 192 -1.65 6.43 -12.34
C GLY A 192 -1.36 5.23 -11.45
N TYR A 193 -0.57 5.41 -10.40
CA TYR A 193 -0.26 4.24 -9.54
C TYR A 193 -1.27 4.20 -8.40
N VAL A 194 -1.85 3.01 -8.21
CA VAL A 194 -2.89 2.80 -7.22
C VAL A 194 -2.75 1.39 -6.61
N GLU A 195 -3.24 1.29 -5.38
CA GLU A 195 -3.31 -0.11 -4.83
C GLU A 195 -4.34 -0.85 -5.69
N TYR A 196 -4.08 -2.15 -5.97
CA TYR A 196 -4.84 -2.96 -6.91
C TYR A 196 -6.35 -2.84 -6.80
N CYS A 197 -6.89 -2.91 -5.58
CA CYS A 197 -8.32 -2.77 -5.39
C CYS A 197 -8.94 -1.61 -6.11
N TYR A 198 -8.28 -0.44 -6.06
CA TYR A 198 -8.83 0.75 -6.66
C TYR A 198 -8.87 0.66 -8.20
N ALA A 199 -7.93 -0.06 -8.82
CA ALA A 199 -8.08 -0.30 -10.26
C ALA A 199 -9.28 -1.23 -10.49
N LYS A 200 -9.32 -2.37 -9.81
CA LYS A 200 -10.39 -3.37 -10.06
C LYS A 200 -11.74 -2.78 -9.75
N GLN A 201 -11.92 -2.07 -8.65
CA GLN A 201 -13.16 -1.45 -8.23
C GLN A 201 -13.75 -0.53 -9.28
N ASN A 202 -12.91 0.27 -9.90
CA ASN A 202 -13.26 1.21 -10.93
C ASN A 202 -13.23 0.68 -12.36
N ASN A 203 -13.05 -0.63 -12.58
CA ASN A 203 -12.98 -1.23 -13.88
C ASN A 203 -11.95 -0.59 -14.78
N LEU A 204 -10.79 -0.26 -14.17
CA LEU A 204 -9.70 0.31 -14.95
C LEU A 204 -8.70 -0.76 -15.38
N ALA A 205 -8.22 -0.65 -16.61
CA ALA A 205 -7.16 -1.51 -17.08
C ALA A 205 -5.87 -1.22 -16.28
N TYR A 206 -5.14 -2.30 -16.04
CA TYR A 206 -3.83 -2.16 -15.38
C TYR A 206 -2.79 -2.88 -16.23
N THR A 207 -1.51 -2.55 -16.03
CA THR A 207 -0.44 -3.17 -16.82
C THR A 207 0.10 -4.40 -16.11
N LYS A 208 0.79 -5.24 -16.89
CA LYS A 208 1.68 -6.22 -16.28
C LYS A 208 2.99 -5.46 -16.03
N LEU A 209 3.88 -6.00 -15.22
CA LEU A 209 5.20 -5.41 -15.00
C LEU A 209 6.25 -6.49 -15.08
N ILE A 210 7.50 -6.12 -15.33
CA ILE A 210 8.60 -7.09 -15.33
C ILE A 210 9.12 -7.25 -13.90
N SER A 211 9.24 -8.51 -13.45
CA SER A 211 9.74 -8.78 -12.11
C SER A 211 11.22 -8.43 -11.98
N ALA A 212 11.73 -8.49 -10.76
CA ALA A 212 13.18 -8.32 -10.52
C ALA A 212 13.95 -9.37 -11.31
N ASP A 213 13.40 -10.57 -11.46
CA ASP A 213 14.13 -11.63 -12.18
C ASP A 213 13.97 -11.50 -13.69
N GLY A 214 13.22 -10.52 -14.17
CA GLY A 214 13.15 -10.26 -15.61
C GLY A 214 11.99 -10.89 -16.34
N LYS A 215 10.91 -11.32 -15.70
CA LYS A 215 9.80 -11.96 -16.35
C LYS A 215 8.52 -11.16 -16.16
N PRO A 216 7.66 -11.11 -17.15
CA PRO A 216 6.40 -10.43 -17.03
C PRO A 216 5.50 -11.16 -16.07
N VAL A 217 4.91 -10.38 -15.16
CA VAL A 217 4.07 -10.86 -14.10
C VAL A 217 2.76 -10.07 -14.05
N SER A 218 1.67 -10.73 -13.69
CA SER A 218 0.38 -10.07 -13.52
C SER A 218 0.17 -9.78 -12.02
N PRO A 219 -0.53 -8.69 -11.72
CA PRO A 219 -0.82 -8.36 -10.33
C PRO A 219 -2.02 -9.17 -9.87
N THR A 220 -1.78 -10.05 -8.89
CA THR A 220 -2.81 -10.87 -8.29
C THR A 220 -2.44 -11.02 -6.81
N GLU A 221 -3.42 -11.40 -6.00
CA GLU A 221 -3.20 -11.62 -4.58
C GLU A 221 -2.03 -12.59 -4.37
N GLU A 222 -2.02 -13.68 -5.11
CA GLU A 222 -0.93 -14.66 -4.95
C GLU A 222 0.43 -14.10 -5.33
N ASN A 223 0.47 -13.20 -6.32
CA ASN A 223 1.76 -12.64 -6.77
C ASN A 223 2.23 -11.56 -5.82
N PHE A 224 1.31 -10.95 -5.09
CA PHE A 224 1.75 -10.06 -3.98
C PHE A 224 2.32 -10.90 -2.86
N ALA A 225 1.63 -12.03 -2.55
CA ALA A 225 2.19 -12.93 -1.53
C ALA A 225 3.55 -13.40 -1.97
N ASN A 226 3.66 -13.76 -3.27
CA ASN A 226 4.95 -14.27 -3.76
C ASN A 226 6.12 -13.32 -3.54
N ALA A 227 5.84 -12.03 -3.70
CA ALA A 227 6.89 -11.03 -3.48
C ALA A 227 7.36 -11.01 -2.03
N ALA A 228 6.58 -11.50 -1.08
CA ALA A 228 6.99 -11.54 0.31
C ALA A 228 7.54 -12.90 0.76
N LYS A 229 7.59 -13.89 -0.11
CA LYS A 229 8.02 -15.22 0.32
C LYS A 229 9.44 -15.26 0.82
N GLY A 230 10.30 -14.38 0.34
CA GLY A 230 11.66 -14.29 0.87
C GLY A 230 11.84 -13.35 2.04
N ALA A 231 10.84 -12.73 2.60
CA ALA A 231 10.95 -11.80 3.72
C ALA A 231 11.26 -12.53 5.02
N ASP A 232 12.31 -12.07 5.70
CA ASP A 232 12.63 -12.73 6.99
C ASP A 232 11.94 -11.97 8.11
N TRP A 233 10.61 -12.18 8.22
CA TRP A 233 9.79 -11.55 9.23
C TRP A 233 10.29 -11.68 10.66
N SER A 234 10.97 -12.79 11.01
CA SER A 234 11.53 -12.92 12.33
C SER A 234 12.49 -11.82 12.69
N LYS A 235 13.14 -11.17 11.71
CA LYS A 235 14.08 -10.09 12.02
C LYS A 235 13.39 -8.76 12.27
N THR A 236 12.31 -8.49 11.54
CA THR A 236 11.65 -7.17 11.66
C THR A 236 10.36 -7.20 10.87
N PHE A 237 9.37 -6.40 11.31
CA PHE A 237 8.15 -6.28 10.53
C PHE A 237 8.36 -5.26 9.38
N ALA A 238 9.42 -4.48 9.45
CA ALA A 238 9.61 -3.46 8.38
C ALA A 238 10.28 -4.03 7.16
N GLN A 239 9.57 -4.85 6.40
CA GLN A 239 10.12 -5.55 5.25
C GLN A 239 9.87 -4.79 3.95
N ASP A 240 10.92 -4.65 3.18
CA ASP A 240 10.80 -4.01 1.85
C ASP A 240 10.39 -5.11 0.89
N LEU A 241 9.27 -4.90 0.19
CA LEU A 241 8.74 -5.92 -0.71
C LEU A 241 8.72 -5.38 -2.14
N THR A 242 9.55 -4.38 -2.42
CA THR A 242 9.62 -3.89 -3.80
C THR A 242 10.81 -4.55 -4.52
N ASN A 243 10.59 -4.87 -5.80
CA ASN A 243 11.60 -5.47 -6.67
C ASN A 243 12.32 -6.66 -6.03
N GLN A 244 11.53 -7.61 -5.55
CA GLN A 244 12.09 -8.78 -4.88
C GLN A 244 12.21 -9.92 -5.89
N LYS A 245 13.24 -10.74 -5.65
CA LYS A 245 13.49 -11.90 -6.49
C LYS A 245 12.47 -13.00 -6.28
N GLY A 246 12.33 -13.86 -7.27
CA GLY A 246 11.51 -15.05 -7.16
C GLY A 246 10.50 -15.11 -8.32
N GLU A 247 10.01 -16.35 -8.54
CA GLU A 247 9.03 -16.51 -9.61
C GLU A 247 7.73 -15.81 -9.21
N ASP A 248 7.10 -15.20 -10.22
CA ASP A 248 5.83 -14.47 -10.13
C ASP A 248 5.75 -13.55 -8.93
N ALA A 249 6.85 -12.82 -8.67
CA ALA A 249 6.90 -11.85 -7.59
C ALA A 249 6.55 -10.45 -8.09
N TRP A 250 5.32 -10.04 -7.74
CA TRP A 250 4.88 -8.72 -8.28
C TRP A 250 5.88 -7.67 -7.77
N PRO A 251 6.44 -6.80 -8.62
CA PRO A 251 7.56 -5.96 -8.23
C PRO A 251 7.22 -4.79 -7.36
N ILE A 252 5.95 -4.35 -7.33
CA ILE A 252 5.58 -3.20 -6.47
C ILE A 252 4.60 -3.63 -5.39
N THR A 253 5.11 -4.45 -4.45
CA THR A 253 4.33 -5.00 -3.37
C THR A 253 4.68 -4.30 -2.08
N SER A 254 3.71 -4.27 -1.14
CA SER A 254 4.03 -3.70 0.17
C SER A 254 3.08 -4.30 1.21
N THR A 255 3.57 -4.38 2.45
CA THR A 255 2.61 -4.59 3.58
C THR A 255 2.24 -3.19 4.07
N THR A 256 1.57 -3.10 5.20
CA THR A 256 1.06 -1.84 5.71
C THR A 256 0.84 -1.98 7.20
N PHE A 257 0.96 -0.89 7.95
CA PHE A 257 1.09 -0.97 9.39
C PHE A 257 0.07 -0.15 10.20
N ILE A 258 -0.15 -0.64 11.42
CA ILE A 258 -1.02 0.07 12.38
C ILE A 258 -0.07 0.55 13.50
N LEU A 259 -0.27 1.78 13.91
CA LEU A 259 0.48 2.43 14.95
C LEU A 259 -0.38 2.74 16.18
N ILE A 260 0.08 2.26 17.33
CA ILE A 260 -0.60 2.52 18.61
C ILE A 260 0.44 2.94 19.65
N HIS A 261 -0.05 3.56 20.71
CA HIS A 261 0.84 3.98 21.81
C HIS A 261 1.20 2.77 22.63
N LYS A 262 2.45 2.73 23.12
CA LYS A 262 2.83 1.66 24.03
C LYS A 262 2.22 1.94 25.42
N ASP A 263 2.17 3.21 25.83
CA ASP A 263 1.52 3.53 27.10
C ASP A 263 0.11 4.04 26.81
N GLN A 264 -0.88 3.19 27.07
CA GLN A 264 -2.24 3.53 26.68
C GLN A 264 -2.96 4.31 27.77
N LYS A 265 -3.24 5.56 27.48
CA LYS A 265 -3.90 6.47 28.39
C LYS A 265 -5.41 6.30 28.40
N LYS A 266 -5.98 5.63 27.40
CA LYS A 266 -7.39 5.17 27.47
C LYS A 266 -7.33 3.66 27.25
N PRO A 267 -7.00 2.92 28.30
CA PRO A 267 -6.65 1.50 28.19
C PRO A 267 -7.78 0.61 27.73
N GLU A 268 -9.02 1.02 28.03
CA GLU A 268 -10.14 0.21 27.53
C GLU A 268 -10.21 0.33 26.02
N GLN A 269 -9.99 1.53 25.47
CA GLN A 269 -9.96 1.69 24.02
C GLN A 269 -8.83 0.87 23.40
N GLY A 270 -7.64 0.91 24.03
CA GLY A 270 -6.50 0.16 23.50
C GLY A 270 -6.81 -1.33 23.47
N THR A 271 -7.38 -1.82 24.58
CA THR A 271 -7.77 -3.23 24.64
C THR A 271 -8.70 -3.64 23.51
N GLU A 272 -9.67 -2.76 23.18
CA GLU A 272 -10.60 -3.00 22.09
C GLU A 272 -9.95 -2.90 20.71
N VAL A 273 -8.98 -2.01 20.51
CA VAL A 273 -8.25 -1.92 19.25
C VAL A 273 -7.52 -3.26 19.06
N LEU A 274 -6.88 -3.76 20.11
CA LEU A 274 -6.21 -5.05 19.96
C LEU A 274 -7.19 -6.17 19.65
N LYS A 275 -8.37 -6.18 20.29
CA LYS A 275 -9.36 -7.22 19.98
C LYS A 275 -9.85 -7.15 18.54
N PHE A 276 -9.97 -5.94 17.98
CA PHE A 276 -10.42 -5.81 16.60
C PHE A 276 -9.37 -6.45 15.67
N PHE A 277 -8.09 -6.02 15.82
CA PHE A 277 -7.07 -6.54 14.90
C PHE A 277 -6.85 -8.04 15.15
N ASP A 278 -6.97 -8.50 16.40
CA ASP A 278 -6.83 -9.95 16.66
C ASP A 278 -7.96 -10.72 15.96
N TRP A 279 -9.19 -10.20 16.05
CA TRP A 279 -10.31 -10.79 15.32
C TRP A 279 -10.01 -10.80 13.85
N ALA A 280 -9.43 -9.72 13.28
CA ALA A 280 -9.15 -9.73 11.85
C ALA A 280 -8.12 -10.78 11.44
N TYR A 281 -7.10 -10.97 12.26
CA TYR A 281 -6.14 -12.05 12.01
C TYR A 281 -6.78 -13.44 12.06
N LYS A 282 -7.64 -13.62 13.06
CA LYS A 282 -8.26 -14.93 13.34
C LYS A 282 -9.28 -15.31 12.28
N THR A 283 -10.19 -14.40 11.94
CA THR A 283 -11.34 -14.72 11.11
C THR A 283 -11.41 -13.94 9.80
N GLY A 284 -10.54 -12.95 9.64
CA GLY A 284 -10.66 -11.96 8.55
C GLY A 284 -9.84 -12.23 7.32
N ALA A 285 -9.14 -13.37 7.19
CA ALA A 285 -8.30 -13.61 6.02
C ALA A 285 -9.10 -13.75 4.75
N LYS A 286 -10.29 -14.39 4.82
CA LYS A 286 -11.08 -14.56 3.62
C LYS A 286 -11.54 -13.21 3.09
N GLN A 287 -11.91 -12.30 4.02
CA GLN A 287 -12.36 -10.98 3.59
C GLN A 287 -11.19 -10.22 2.95
N ALA A 288 -10.00 -10.36 3.52
CA ALA A 288 -8.83 -9.68 2.92
C ALA A 288 -8.55 -10.27 1.55
N ASN A 289 -8.58 -11.61 1.43
CA ASN A 289 -8.36 -12.26 0.15
C ASN A 289 -9.43 -11.97 -0.90
N ASP A 290 -10.70 -11.84 -0.46
CA ASP A 290 -11.79 -11.47 -1.34
C ASP A 290 -11.51 -10.13 -2.00
N LEU A 291 -10.85 -9.21 -1.26
CA LEU A 291 -10.46 -7.92 -1.73
C LEU A 291 -9.04 -7.91 -2.30
N ASP A 292 -8.49 -9.07 -2.65
CA ASP A 292 -7.19 -9.21 -3.29
C ASP A 292 -6.01 -8.69 -2.49
N TYR A 293 -6.11 -8.77 -1.16
CA TYR A 293 -4.97 -8.57 -0.27
C TYR A 293 -4.50 -9.94 0.19
N ALA A 294 -3.20 -10.16 0.21
CA ALA A 294 -2.70 -11.44 0.74
C ALA A 294 -2.61 -11.30 2.24
N SER A 295 -2.90 -12.43 2.92
CA SER A 295 -2.77 -12.51 4.36
C SER A 295 -1.33 -12.70 4.78
N LEU A 296 -1.02 -12.21 5.99
CA LEU A 296 0.32 -12.46 6.52
C LEU A 296 0.34 -13.92 7.01
N PRO A 297 1.51 -14.51 6.94
CA PRO A 297 1.68 -15.90 7.37
C PRO A 297 1.33 -15.96 8.85
N ASP A 298 0.86 -17.15 9.29
CA ASP A 298 0.45 -17.28 10.69
C ASP A 298 1.59 -16.99 11.65
N SER A 299 2.84 -17.30 11.26
CA SER A 299 3.97 -16.99 12.12
C SER A 299 4.08 -15.50 12.45
N VAL A 300 3.73 -14.63 11.49
CA VAL A 300 3.81 -13.18 11.75
C VAL A 300 2.71 -12.74 12.69
N VAL A 301 1.51 -13.33 12.54
CA VAL A 301 0.44 -13.06 13.49
C VAL A 301 0.85 -13.43 14.91
N GLU A 302 1.53 -14.59 15.06
CA GLU A 302 2.04 -14.95 16.38
C GLU A 302 3.12 -13.99 16.89
N GLN A 303 3.96 -13.46 16.00
CA GLN A 303 4.93 -12.48 16.39
C GLN A 303 4.22 -11.22 16.93
N VAL A 304 3.17 -10.79 16.20
CA VAL A 304 2.45 -9.59 16.63
C VAL A 304 1.82 -9.79 18.01
N ARG A 305 1.16 -10.93 18.21
CA ARG A 305 0.52 -11.23 19.50
C ARG A 305 1.55 -11.20 20.64
N ALA A 306 2.68 -11.86 20.41
CA ALA A 306 3.74 -11.89 21.41
C ALA A 306 4.27 -10.50 21.70
N ALA A 307 4.37 -9.63 20.69
CA ALA A 307 4.85 -8.26 20.91
C ALA A 307 3.81 -7.38 21.56
N TRP A 308 2.53 -7.64 21.31
CA TRP A 308 1.47 -6.94 22.01
C TRP A 308 1.56 -7.20 23.53
N LYS A 309 1.88 -8.46 23.88
CA LYS A 309 1.99 -8.79 25.30
C LYS A 309 3.13 -8.05 25.98
N THR A 310 4.23 -7.78 25.29
CA THR A 310 5.35 -7.13 25.96
C THR A 310 5.38 -5.62 25.75
N ASN A 311 4.70 -5.08 24.73
CA ASN A 311 4.78 -3.64 24.49
C ASN A 311 3.60 -2.80 24.92
N ILE A 312 2.37 -3.32 25.01
CA ILE A 312 1.21 -2.45 25.22
C ILE A 312 0.73 -2.55 26.68
N LYS A 313 0.79 -1.41 27.37
CA LYS A 313 0.46 -1.41 28.81
C LYS A 313 -0.40 -0.20 29.14
N ASP A 314 -1.04 -0.25 30.31
CA ASP A 314 -1.71 0.95 30.81
C ASP A 314 -0.71 1.73 31.65
N SER A 315 -1.12 2.79 32.31
CA SER A 315 -0.17 3.71 32.98
C SER A 315 0.34 3.11 34.29
N SER A 316 -0.24 2.00 34.75
CA SER A 316 0.20 1.26 35.91
C SER A 316 1.17 0.13 35.54
N GLY A 317 1.50 0.01 34.26
CA GLY A 317 2.39 -1.00 33.74
C GLY A 317 1.77 -2.36 33.47
N LYS A 318 0.45 -2.49 33.47
CA LYS A 318 -0.08 -3.85 33.23
C LYS A 318 -0.43 -4.03 31.76
N PRO A 319 -0.08 -5.19 31.24
CA PRO A 319 -0.32 -5.52 29.85
C PRO A 319 -1.79 -5.46 29.49
N LEU A 320 -2.09 -5.02 28.26
CA LEU A 320 -3.46 -4.97 27.76
C LEU A 320 -3.75 -6.10 26.78
N TYR A 321 -2.87 -7.08 26.74
CA TYR A 321 -3.03 -8.28 25.91
C TYR A 321 -2.24 -9.41 26.57
#